data_2X1S
#
_entry.id   2X1S
#
_cell.length_a   45.820
_cell.length_b   86.170
_cell.length_c   56.280
_cell.angle_alpha   90.00
_cell.angle_beta   98.30
_cell.angle_gamma   90.00
#
_symmetry.space_group_name_H-M   'P 1 21 1'
#
loop_
_entity.id
_entity.type
_entity.pdbx_description
1 polymer 'TRIOSEPHOSPHATE ISOMERASE, GLYCOSOMAL'
2 non-polymer '3-SULFOPROPANOIC ACID'
3 non-polymer 'SULFATE ION'
4 water water
#
_entity_poly.entity_id   1
_entity_poly.type   'polypeptide(L)'
_entity_poly.pdbx_seq_one_letter_code
;SKPQPIAAANWKSGSPDSLSELIDLFNSTSINHDVQCVVASTFVHLAMTKERLSHPKFVIAAQNAGNADALASLKDFGVN
WIVLGHSERRWYYGETNEIVADKVAAAVASGFMVIACIGETLQERESGRTAVVVLTQIAAIAKKLKKADWAKVVIAYEPV
WAIGTGKVATPQQAQEAHALIRSWVSSKIGADVAGELRILYGGSVNGKNARTLYQQRDVNGFLAGLKPEFVDIIKATQ
;
_entity_poly.pdbx_strand_id   A,B
#
loop_
_chem_comp.id
_chem_comp.type
_chem_comp.name
_chem_comp.formula
SO4 non-polymer 'SULFATE ION' 'O4 S -2'
X1S non-polymer '3-SULFOPROPANOIC ACID' 'C3 H6 O5 S'
#
# COMPACT_ATOMS: atom_id res chain seq x y z
N SER A 1 -5.78 -18.04 0.59
CA SER A 1 -6.16 -17.02 1.55
C SER A 1 -6.59 -15.72 0.86
N LYS A 2 -7.43 -14.95 1.54
CA LYS A 2 -7.95 -13.69 1.02
C LYS A 2 -6.86 -12.67 0.69
N PRO A 3 -7.06 -11.84 -0.35
CA PRO A 3 -6.14 -10.74 -0.64
C PRO A 3 -6.22 -9.69 0.47
N GLN A 4 -5.36 -8.68 0.42
CA GLN A 4 -5.39 -7.62 1.42
C GLN A 4 -6.78 -6.99 1.54
N PRO A 5 -7.36 -6.95 2.76
CA PRO A 5 -8.67 -6.30 2.84
C PRO A 5 -8.60 -4.79 2.69
N ILE A 6 -9.76 -4.18 2.40
CA ILE A 6 -9.88 -2.74 2.33
C ILE A 6 -11.04 -2.28 3.21
N ALA A 7 -10.84 -1.16 3.91
CA ALA A 7 -11.95 -0.49 4.59
C ALA A 7 -11.99 0.94 4.08
N ALA A 8 -13.08 1.32 3.43
CA ALA A 8 -13.19 2.66 2.85
C ALA A 8 -14.36 3.41 3.44
N ALA A 9 -14.13 4.69 3.75
CA ALA A 9 -15.18 5.56 4.27
C ALA A 9 -15.54 6.58 3.20
N ASN A 10 -16.84 6.73 2.96
CA ASN A 10 -17.32 7.48 1.80
C ASN A 10 -18.16 8.70 2.17
N SER A 18 -17.01 18.23 12.33
CA SER A 18 -16.47 17.14 13.14
C SER A 18 -15.58 16.21 12.31
N LEU A 19 -15.20 16.66 11.12
CA LEU A 19 -14.26 15.90 10.29
C LEU A 19 -12.84 16.02 10.84
N SER A 20 -12.58 17.10 11.57
CA SER A 20 -11.26 17.32 12.16
C SER A 20 -11.08 16.41 13.37
N GLU A 21 -12.14 16.27 14.16
CA GLU A 21 -12.11 15.36 15.29
C GLU A 21 -12.04 13.93 14.75
N LEU A 22 -12.69 13.71 13.61
CA LEU A 22 -12.69 12.38 13.02
C LEU A 22 -11.30 12.02 12.51
N ILE A 23 -10.65 12.94 11.81
CA ILE A 23 -9.27 12.73 11.37
C ILE A 23 -8.34 12.51 12.56
N ASP A 24 -8.54 13.26 13.65
CA ASP A 24 -7.80 13.04 14.89
C ASP A 24 -7.95 11.61 15.40
N LEU A 25 -9.17 11.09 15.39
CA LEU A 25 -9.42 9.76 15.91
C LEU A 25 -8.70 8.72 15.07
N PHE A 26 -8.78 8.87 13.76
CA PHE A 26 -8.12 7.90 12.87
C PHE A 26 -6.60 7.96 13.08
N ASN A 27 -6.05 9.17 13.13
CA ASN A 27 -4.61 9.34 13.31
C ASN A 27 -4.05 8.64 14.54
N SER A 28 -4.87 8.53 15.59
CA SER A 28 -4.47 7.94 16.87
C SER A 28 -4.75 6.45 16.99
N THR A 29 -5.35 5.88 15.95
CA THR A 29 -5.75 4.48 15.99
C THR A 29 -4.63 3.53 15.55
N SER A 30 -4.28 2.58 16.40
CA SER A 30 -3.34 1.53 16.02
C SER A 30 -4.11 0.44 15.30
N ILE A 31 -3.69 0.14 14.09
CA ILE A 31 -4.27 -0.94 13.33
C ILE A 31 -3.25 -2.06 13.26
N ASN A 32 -3.57 -3.18 13.90
CA ASN A 32 -2.65 -4.29 14.10
C ASN A 32 -2.81 -5.45 13.12
N HIS A 33 -3.24 -5.15 11.91
CA HIS A 33 -3.20 -6.14 10.83
C HIS A 33 -3.08 -5.44 9.49
N ASP A 34 -2.92 -6.22 8.42
CA ASP A 34 -2.78 -5.65 7.10
C ASP A 34 -4.15 -5.32 6.52
N VAL A 35 -4.42 -4.03 6.35
CA VAL A 35 -5.65 -3.57 5.72
C VAL A 35 -5.39 -2.19 5.12
N GLN A 36 -5.91 -1.96 3.91
CA GLN A 36 -5.77 -0.66 3.26
C GLN A 36 -6.99 0.17 3.63
N CYS A 37 -6.77 1.29 4.31
CA CYS A 37 -7.89 2.16 4.66
C CYS A 37 -7.95 3.33 3.71
N VAL A 38 -9.16 3.75 3.41
CA VAL A 38 -9.39 4.77 2.39
C VAL A 38 -10.41 5.77 2.91
N VAL A 39 -10.12 7.07 2.75
CA VAL A 39 -11.11 8.09 3.05
C VAL A 39 -11.44 8.82 1.77
N ALA A 40 -12.68 8.65 1.29
CA ALA A 40 -13.12 9.32 0.07
C ALA A 40 -13.92 10.55 0.42
N SER A 41 -13.74 11.61 -0.35
CA SER A 41 -14.45 12.85 -0.09
C SER A 41 -14.63 13.71 -1.33
N THR A 42 -15.56 14.67 -1.23
CA THR A 42 -15.80 15.61 -2.30
C THR A 42 -14.62 16.56 -2.46
N PHE A 43 -14.43 17.05 -3.68
CA PHE A 43 -13.35 17.99 -4.00
C PHE A 43 -13.06 18.98 -2.87
N VAL A 44 -14.09 19.62 -2.35
CA VAL A 44 -13.95 20.70 -1.38
C VAL A 44 -13.23 20.30 -0.08
N HIS A 45 -13.25 19.01 0.26
CA HIS A 45 -12.66 18.55 1.51
C HIS A 45 -11.31 17.85 1.34
N LEU A 46 -10.96 17.54 0.10
CA LEU A 46 -9.71 16.85 -0.20
C LEU A 46 -8.50 17.52 0.42
N ALA A 47 -8.33 18.81 0.16
CA ALA A 47 -7.17 19.55 0.62
C ALA A 47 -6.95 19.43 2.13
N MET A 48 -8.04 19.54 2.90
CA MET A 48 -7.92 19.44 4.35
C MET A 48 -7.64 17.99 4.76
N THR A 49 -8.35 17.04 4.14
CA THR A 49 -8.13 15.64 4.46
C THR A 49 -6.68 15.25 4.24
N LYS A 50 -6.08 15.68 3.12
CA LYS A 50 -4.69 15.36 2.84
C LYS A 50 -3.73 16.08 3.78
N GLU A 51 -4.09 17.29 4.17
CA GLU A 51 -3.24 18.08 5.06
C GLU A 51 -3.23 17.48 6.44
N ARG A 52 -4.33 16.82 6.80
CA ARG A 52 -4.57 16.42 8.18
C ARG A 52 -4.40 14.93 8.45
N LEU A 53 -4.81 14.10 7.49
CA LEU A 53 -4.77 12.65 7.68
C LEU A 53 -3.37 12.09 7.38
N SER A 54 -2.70 11.59 8.42
CA SER A 54 -1.30 11.19 8.29
C SER A 54 -1.05 9.71 8.59
N HIS A 55 -2.11 8.97 8.95
CA HIS A 55 -1.94 7.55 9.26
C HIS A 55 -1.54 6.84 7.98
N PRO A 56 -0.39 6.12 8.00
CA PRO A 56 0.20 5.61 6.75
C PRO A 56 -0.55 4.45 6.15
N LYS A 57 -1.46 3.83 6.91
CA LYS A 57 -2.33 2.78 6.39
C LYS A 57 -3.59 3.34 5.73
N PHE A 58 -3.71 4.68 5.74
CA PHE A 58 -4.80 5.37 5.03
C PHE A 58 -4.32 6.05 3.77
N VAL A 59 -5.14 6.00 2.72
CA VAL A 59 -4.97 6.86 1.56
C VAL A 59 -6.25 7.68 1.34
N ILE A 60 -6.12 8.82 0.68
CA ILE A 60 -7.28 9.64 0.33
C ILE A 60 -7.77 9.28 -1.07
N ALA A 61 -9.07 9.37 -1.27
CA ALA A 61 -9.64 9.07 -2.58
C ALA A 61 -10.55 10.21 -3.01
N ALA A 62 -10.52 10.53 -4.30
CA ALA A 62 -11.47 11.48 -4.86
C ALA A 62 -12.74 10.72 -5.17
N GLN A 63 -13.76 11.41 -5.66
CA GLN A 63 -15.00 10.78 -6.04
C GLN A 63 -15.46 11.37 -7.36
N ASN A 64 -15.83 10.51 -8.30
CA ASN A 64 -16.65 10.93 -9.44
C ASN A 64 -16.01 11.79 -10.55
N ALA A 65 -14.72 12.06 -10.45
CA ALA A 65 -14.06 12.86 -11.49
C ALA A 65 -14.16 12.14 -12.84
N GLY A 66 -14.50 12.88 -13.89
CA GLY A 66 -14.71 12.28 -15.19
C GLY A 66 -14.08 13.06 -16.32
N ASN A 67 -13.14 13.93 -15.97
CA ASN A 67 -12.54 14.86 -16.90
C ASN A 67 -11.02 14.64 -16.93
N ALA A 68 -10.44 14.48 -18.11
CA ALA A 68 -9.00 14.25 -18.24
C ALA A 68 -8.14 15.21 -17.43
N ASP A 69 -8.44 16.50 -17.52
CA ASP A 69 -7.67 17.50 -16.80
C ASP A 69 -7.90 17.45 -15.28
N ALA A 70 -9.13 17.14 -14.88
CA ALA A 70 -9.43 16.99 -13.46
C ALA A 70 -8.66 15.82 -12.85
N LEU A 71 -8.63 14.69 -13.54
CA LEU A 71 -7.89 13.53 -13.05
C LEU A 71 -6.41 13.84 -12.95
N ALA A 72 -5.88 14.46 -13.99
CA ALA A 72 -4.48 14.89 -14.01
C ALA A 72 -4.15 15.79 -12.84
N SER A 73 -5.05 16.72 -12.53
CA SER A 73 -4.83 17.64 -11.42
C SER A 73 -4.81 16.91 -10.09
N LEU A 74 -5.77 16.00 -9.90
CA LEU A 74 -5.82 15.14 -8.72
C LEU A 74 -4.50 14.36 -8.51
N LYS A 75 -4.03 13.69 -9.55
CA LYS A 75 -2.78 12.92 -9.44
C LYS A 75 -1.65 13.84 -9.02
N ASP A 76 -1.62 15.04 -9.61
CA ASP A 76 -0.55 15.98 -9.34
C ASP A 76 -0.56 16.38 -7.87
N PHE A 77 -1.75 16.51 -7.31
CA PHE A 77 -1.92 16.87 -5.91
C PHE A 77 -1.63 15.72 -4.97
N GLY A 78 -1.38 14.53 -5.52
CA GLY A 78 -1.06 13.38 -4.69
C GLY A 78 -2.21 12.45 -4.38
N VAL A 79 -3.33 12.61 -5.08
CA VAL A 79 -4.45 11.68 -4.92
C VAL A 79 -4.34 10.56 -5.94
N ASN A 80 -4.24 9.32 -5.46
CA ASN A 80 -4.07 8.18 -6.35
C ASN A 80 -5.22 7.17 -6.34
N TRP A 81 -6.26 7.43 -5.54
CA TRP A 81 -7.43 6.57 -5.45
C TRP A 81 -8.66 7.37 -5.84
N ILE A 82 -9.72 6.70 -6.27
CA ILE A 82 -10.97 7.39 -6.62
C ILE A 82 -12.13 6.41 -6.55
N VAL A 83 -13.28 6.89 -6.10
CA VAL A 83 -14.50 6.07 -6.06
C VAL A 83 -15.40 6.50 -7.23
N LEU A 84 -15.91 5.53 -7.97
CA LEU A 84 -16.73 5.81 -9.15
C LEU A 84 -17.99 4.94 -9.17
N GLY A 85 -19.08 5.49 -9.70
CA GLY A 85 -20.28 4.70 -9.95
C GLY A 85 -21.15 4.42 -8.73
N HIS A 86 -20.90 5.17 -7.66
CA HIS A 86 -21.66 5.02 -6.44
C HIS A 86 -23.15 5.19 -6.69
N SER A 87 -23.96 4.58 -5.82
CA SER A 87 -25.41 4.45 -6.04
C SER A 87 -26.08 5.67 -6.67
N GLU A 88 -26.04 6.81 -5.97
CA GLU A 88 -26.75 8.00 -6.43
C GLU A 88 -26.27 8.52 -7.77
N ARG A 89 -25.04 8.20 -8.15
CA ARG A 89 -24.55 8.54 -9.49
C ARG A 89 -25.46 7.95 -10.54
N ARG A 90 -25.91 6.74 -10.29
CA ARG A 90 -26.72 6.03 -11.26
C ARG A 90 -28.21 6.40 -11.14
N TRP A 91 -28.77 6.34 -9.93
CA TRP A 91 -30.21 6.53 -9.77
C TRP A 91 -30.67 7.99 -9.71
N TYR A 92 -29.75 8.90 -9.45
CA TYR A 92 -30.09 10.33 -9.37
C TYR A 92 -29.46 11.14 -10.50
N TYR A 93 -28.13 11.14 -10.58
CA TYR A 93 -27.42 11.93 -11.58
C TYR A 93 -27.53 11.43 -13.01
N GLY A 94 -27.78 10.14 -13.18
CA GLY A 94 -27.99 9.62 -14.52
C GLY A 94 -26.78 9.04 -15.22
N GLU A 95 -25.74 8.69 -14.46
CA GLU A 95 -24.62 7.99 -15.07
C GLU A 95 -25.06 6.58 -15.42
N THR A 96 -24.95 6.23 -16.70
CA THR A 96 -25.34 4.90 -17.17
C THR A 96 -24.23 3.91 -16.89
N ASN A 97 -24.48 2.61 -17.13
CA ASN A 97 -23.44 1.61 -16.98
C ASN A 97 -22.19 1.96 -17.78
N GLU A 98 -22.41 2.54 -18.96
CA GLU A 98 -21.32 2.88 -19.87
C GLU A 98 -20.56 4.15 -19.49
N ILE A 99 -21.27 5.15 -18.97
CA ILE A 99 -20.62 6.34 -18.43
C ILE A 99 -19.71 5.98 -17.25
N VAL A 100 -20.20 5.14 -16.34
CA VAL A 100 -19.40 4.70 -15.22
C VAL A 100 -18.18 3.96 -15.73
N ALA A 101 -18.38 3.08 -16.69
CA ALA A 101 -17.29 2.26 -17.24
C ALA A 101 -16.22 3.11 -17.90
N ASP A 102 -16.64 4.18 -18.58
CA ASP A 102 -15.72 5.11 -19.21
C ASP A 102 -14.91 5.89 -18.18
N LYS A 103 -15.58 6.34 -17.11
CA LYS A 103 -14.88 7.02 -16.02
C LYS A 103 -13.85 6.09 -15.37
N VAL A 104 -14.21 4.83 -15.18
CA VAL A 104 -13.28 3.87 -14.60
C VAL A 104 -12.07 3.69 -15.52
N ALA A 105 -12.30 3.48 -16.81
CA ALA A 105 -11.22 3.31 -17.78
C ALA A 105 -10.29 4.52 -17.80
N ALA A 106 -10.87 5.71 -17.78
CA ALA A 106 -10.07 6.94 -17.79
C ALA A 106 -9.20 7.05 -16.53
N ALA A 107 -9.79 6.79 -15.37
CA ALA A 107 -9.07 6.86 -14.11
C ALA A 107 -7.91 5.89 -14.10
N VAL A 108 -8.16 4.64 -14.48
CA VAL A 108 -7.08 3.65 -14.50
C VAL A 108 -5.98 4.14 -15.43
N ALA A 109 -6.37 4.67 -16.57
CA ALA A 109 -5.39 5.20 -17.54
C ALA A 109 -4.59 6.38 -16.97
N SER A 110 -5.19 7.14 -16.06
CA SER A 110 -4.49 8.24 -15.41
C SER A 110 -3.71 7.82 -14.17
N GLY A 111 -3.64 6.51 -13.92
CA GLY A 111 -2.81 5.98 -12.85
C GLY A 111 -3.47 5.85 -11.50
N PHE A 112 -4.80 5.74 -11.49
CA PHE A 112 -5.57 5.64 -10.26
C PHE A 112 -5.87 4.20 -9.87
N MET A 113 -5.94 3.94 -8.57
CA MET A 113 -6.62 2.77 -8.05
C MET A 113 -8.08 3.15 -8.01
N VAL A 114 -8.94 2.28 -8.52
CA VAL A 114 -10.37 2.60 -8.66
C VAL A 114 -11.25 1.67 -7.83
N ILE A 115 -12.05 2.26 -6.94
CA ILE A 115 -13.12 1.51 -6.29
C ILE A 115 -14.36 1.72 -7.14
N ALA A 116 -14.75 0.68 -7.87
CA ALA A 116 -15.88 0.77 -8.77
C ALA A 116 -17.12 0.15 -8.14
N CYS A 117 -18.19 0.93 -8.05
CA CYS A 117 -19.39 0.52 -7.33
C CYS A 117 -20.47 -0.05 -8.24
N ILE A 118 -21.07 -1.16 -7.81
CA ILE A 118 -22.17 -1.79 -8.53
C ILE A 118 -23.23 -2.19 -7.50
N GLY A 119 -24.47 -2.43 -7.93
CA GLY A 119 -25.49 -2.83 -6.98
C GLY A 119 -26.90 -2.67 -7.50
N GLU A 120 -27.82 -3.48 -7.00
CA GLU A 120 -29.20 -3.49 -7.49
C GLU A 120 -30.16 -2.67 -6.63
N THR A 121 -31.27 -2.24 -7.22
CA THR A 121 -32.26 -1.49 -6.46
C THR A 121 -33.21 -2.44 -5.74
N LEU A 122 -34.06 -1.86 -4.90
CA LEU A 122 -35.06 -2.64 -4.19
C LEU A 122 -35.90 -3.50 -5.12
N GLN A 123 -36.45 -2.89 -6.17
CA GLN A 123 -37.32 -3.61 -7.11
C GLN A 123 -36.56 -4.70 -7.83
N GLU A 124 -35.36 -4.38 -8.30
CA GLU A 124 -34.53 -5.36 -8.96
C GLU A 124 -34.27 -6.56 -8.05
N ARG A 125 -33.99 -6.30 -6.78
CA ARG A 125 -33.82 -7.36 -5.79
C ARG A 125 -35.10 -8.18 -5.61
N GLU A 126 -36.22 -7.50 -5.34
CA GLU A 126 -37.50 -8.17 -5.09
C GLU A 126 -38.00 -9.01 -6.25
N SER A 127 -37.76 -8.54 -7.48
CA SER A 127 -38.18 -9.25 -8.69
C SER A 127 -37.14 -10.29 -9.11
N GLY A 128 -36.15 -10.53 -8.26
CA GLY A 128 -35.19 -11.60 -8.50
C GLY A 128 -34.17 -11.33 -9.60
N ARG A 129 -33.98 -10.06 -9.93
CA ARG A 129 -33.06 -9.67 -10.99
C ARG A 129 -31.70 -9.14 -10.53
N THR A 130 -31.32 -9.43 -9.29
CA THR A 130 -30.04 -9.00 -8.75
C THR A 130 -28.88 -9.42 -9.64
N ALA A 131 -28.85 -10.70 -10.03
CA ALA A 131 -27.72 -11.24 -10.77
C ALA A 131 -27.57 -10.57 -12.12
N VAL A 132 -28.64 -10.52 -12.90
CA VAL A 132 -28.59 -9.91 -14.22
C VAL A 132 -28.17 -8.44 -14.15
N VAL A 133 -28.72 -7.69 -13.20
CA VAL A 133 -28.39 -6.28 -13.05
C VAL A 133 -26.93 -6.06 -12.68
N VAL A 134 -26.51 -6.66 -11.58
CA VAL A 134 -25.13 -6.52 -11.13
C VAL A 134 -24.11 -7.00 -12.16
N LEU A 135 -24.38 -8.12 -12.82
CA LEU A 135 -23.44 -8.62 -13.83
C LEU A 135 -23.39 -7.76 -15.10
N THR A 136 -24.53 -7.21 -15.50
CA THR A 136 -24.56 -6.29 -16.62
C THR A 136 -23.76 -5.04 -16.29
N GLN A 137 -23.89 -4.54 -15.06
CA GLN A 137 -23.10 -3.40 -14.61
C GLN A 137 -21.59 -3.65 -14.69
N ILE A 138 -21.14 -4.78 -14.17
CA ILE A 138 -19.70 -5.04 -14.18
C ILE A 138 -19.17 -5.41 -15.58
N ALA A 139 -20.01 -6.03 -16.40
CA ALA A 139 -19.60 -6.38 -17.77
C ALA A 139 -19.30 -5.11 -18.56
N ALA A 140 -20.06 -4.06 -18.30
CA ALA A 140 -19.84 -2.77 -18.94
C ALA A 140 -18.46 -2.22 -18.54
N ILE A 141 -18.15 -2.32 -17.25
CA ILE A 141 -16.86 -1.92 -16.75
C ILE A 141 -15.74 -2.73 -17.39
N ALA A 142 -15.91 -4.05 -17.45
CA ALA A 142 -14.89 -4.93 -17.97
C ALA A 142 -14.66 -4.68 -19.46
N LYS A 143 -15.69 -4.22 -20.15
CA LYS A 143 -15.59 -4.01 -21.59
C LYS A 143 -14.56 -2.93 -21.93
N LYS A 144 -14.33 -2.01 -21.01
CA LYS A 144 -13.45 -0.87 -21.28
C LYS A 144 -12.05 -1.08 -20.69
N LEU A 145 -11.79 -2.27 -20.16
CA LEU A 145 -10.52 -2.55 -19.52
C LEU A 145 -9.81 -3.72 -20.19
N LYS A 146 -8.49 -3.75 -20.07
CA LYS A 146 -7.73 -4.92 -20.47
C LYS A 146 -7.36 -5.68 -19.21
N LYS A 147 -6.93 -6.91 -19.37
CA LYS A 147 -6.69 -7.78 -18.23
C LYS A 147 -5.78 -7.14 -17.18
N ALA A 148 -4.68 -6.53 -17.63
CA ALA A 148 -3.71 -5.96 -16.69
C ALA A 148 -4.30 -4.86 -15.81
N ASP A 149 -5.39 -4.26 -16.27
CA ASP A 149 -6.00 -3.14 -15.58
C ASP A 149 -6.57 -3.53 -14.23
N TRP A 150 -6.92 -4.81 -14.06
CA TRP A 150 -7.63 -5.24 -12.85
C TRP A 150 -6.80 -5.17 -11.59
N ALA A 151 -5.48 -5.08 -11.77
CA ALA A 151 -4.56 -4.83 -10.66
C ALA A 151 -4.91 -3.52 -9.99
N LYS A 152 -5.56 -2.63 -10.74
CA LYS A 152 -5.86 -1.29 -10.26
C LYS A 152 -7.32 -1.14 -9.85
N VAL A 153 -8.08 -2.22 -9.94
CA VAL A 153 -9.52 -2.15 -9.70
C VAL A 153 -9.93 -2.82 -8.40
N VAL A 154 -10.93 -2.25 -7.74
CA VAL A 154 -11.54 -2.82 -6.55
C VAL A 154 -13.03 -2.70 -6.76
N ILE A 155 -13.78 -3.79 -6.54
CA ILE A 155 -15.23 -3.74 -6.73
C ILE A 155 -15.95 -3.54 -5.41
N ALA A 156 -16.88 -2.59 -5.38
CA ALA A 156 -17.71 -2.37 -4.20
C ALA A 156 -19.15 -2.78 -4.50
N TYR A 157 -19.62 -3.85 -3.87
CA TYR A 157 -21.00 -4.24 -4.06
C TYR A 157 -21.88 -3.62 -2.98
N GLU A 158 -22.87 -2.83 -3.40
CA GLU A 158 -23.77 -2.19 -2.45
C GLU A 158 -25.23 -2.26 -2.92
N PRO A 159 -26.08 -3.03 -2.21
CA PRO A 159 -27.50 -3.03 -2.58
C PRO A 159 -28.03 -1.62 -2.31
N VAL A 160 -28.66 -1.01 -3.29
CA VAL A 160 -29.11 0.36 -3.13
C VAL A 160 -30.05 0.46 -1.93
N TRP A 161 -30.81 -0.61 -1.67
CA TRP A 161 -31.76 -0.64 -0.56
C TRP A 161 -31.10 -0.74 0.82
N ALA A 162 -29.78 -0.93 0.85
CA ALA A 162 -29.05 -1.03 2.11
C ALA A 162 -28.25 0.24 2.41
N ILE A 163 -28.17 1.12 1.43
CA ILE A 163 -27.39 2.34 1.60
C ILE A 163 -28.17 3.38 2.38
N GLY A 164 -27.74 3.65 3.62
CA GLY A 164 -28.31 4.73 4.41
C GLY A 164 -29.71 4.47 4.94
N THR A 165 -30.20 3.25 4.76
CA THR A 165 -31.55 2.90 5.14
C THR A 165 -31.61 2.18 6.48
N GLY A 166 -30.45 1.75 6.96
CA GLY A 166 -30.37 1.02 8.21
C GLY A 166 -30.70 -0.45 8.03
N LYS A 167 -30.87 -0.86 6.79
CA LYS A 167 -31.18 -2.24 6.46
C LYS A 167 -30.00 -2.92 5.78
N VAL A 168 -29.22 -3.68 6.55
CA VAL A 168 -28.01 -4.34 6.04
C VAL A 168 -28.37 -5.63 5.33
N ALA A 169 -27.58 -6.05 4.34
CA ALA A 169 -27.78 -7.36 3.77
C ALA A 169 -27.38 -8.38 4.83
N THR A 170 -28.04 -9.54 4.85
CA THR A 170 -27.61 -10.62 5.73
C THR A 170 -26.28 -11.16 5.20
N PRO A 171 -25.54 -11.88 6.06
CA PRO A 171 -24.29 -12.47 5.58
C PRO A 171 -24.51 -13.37 4.36
N GLN A 172 -25.64 -14.06 4.31
CA GLN A 172 -25.94 -14.93 3.17
C GLN A 172 -26.17 -14.14 1.90
N GLN A 173 -26.91 -13.05 2.01
CA GLN A 173 -27.15 -12.17 0.87
C GLN A 173 -25.86 -11.56 0.33
N ALA A 174 -25.02 -11.05 1.21
CA ALA A 174 -23.76 -10.46 0.81
C ALA A 174 -22.89 -11.50 0.14
N GLN A 175 -22.74 -12.66 0.78
CA GLN A 175 -21.89 -13.72 0.23
C GLN A 175 -22.37 -14.20 -1.13
N GLU A 176 -23.68 -14.34 -1.29
CA GLU A 176 -24.22 -14.80 -2.57
C GLU A 176 -23.89 -13.81 -3.68
N ALA A 177 -24.00 -12.52 -3.38
CA ALA A 177 -23.70 -11.48 -4.37
C ALA A 177 -22.22 -11.45 -4.70
N HIS A 178 -21.37 -11.48 -3.68
CA HIS A 178 -19.93 -11.44 -3.91
C HIS A 178 -19.49 -12.67 -4.71
N ALA A 179 -20.02 -13.85 -4.37
CA ALA A 179 -19.61 -15.08 -5.06
C ALA A 179 -20.01 -15.08 -6.53
N LEU A 180 -21.20 -14.56 -6.79
CA LEU A 180 -21.72 -14.42 -8.15
C LEU A 180 -20.84 -13.48 -8.96
N ILE A 181 -20.37 -12.41 -8.34
CA ILE A 181 -19.50 -11.45 -9.01
C ILE A 181 -18.16 -12.09 -9.28
N ARG A 182 -17.60 -12.73 -8.26
CA ARG A 182 -16.27 -13.35 -8.41
C ARG A 182 -16.27 -14.48 -9.45
N SER A 183 -17.33 -15.28 -9.47
CA SER A 183 -17.46 -16.35 -10.46
C SER A 183 -17.50 -15.81 -11.90
N TRP A 184 -18.18 -14.69 -12.10
CA TRP A 184 -18.21 -14.05 -13.42
C TRP A 184 -16.84 -13.52 -13.79
N VAL A 185 -16.15 -12.91 -12.83
CA VAL A 185 -14.82 -12.39 -13.10
C VAL A 185 -13.87 -13.54 -13.44
N SER A 186 -13.98 -14.62 -12.67
CA SER A 186 -13.15 -15.79 -12.91
C SER A 186 -13.33 -16.33 -14.32
N SER A 187 -14.58 -16.48 -14.74
CA SER A 187 -14.86 -17.07 -16.04
C SER A 187 -14.64 -16.12 -17.23
N LYS A 188 -14.91 -14.82 -17.05
CA LYS A 188 -14.80 -13.89 -18.16
C LYS A 188 -13.43 -13.21 -18.23
N ILE A 189 -12.81 -13.00 -17.07
CA ILE A 189 -11.55 -12.28 -17.03
C ILE A 189 -10.39 -13.22 -16.72
N GLY A 190 -10.59 -14.12 -15.77
CA GLY A 190 -9.58 -15.10 -15.45
C GLY A 190 -9.56 -15.41 -13.96
N ALA A 191 -9.26 -16.67 -13.62
CA ALA A 191 -9.26 -17.10 -12.23
C ALA A 191 -8.13 -16.45 -11.43
N ASP A 192 -7.08 -16.00 -12.12
CA ASP A 192 -5.97 -15.33 -11.44
C ASP A 192 -6.42 -13.95 -10.99
N VAL A 193 -7.08 -13.23 -11.89
CA VAL A 193 -7.68 -11.94 -11.58
C VAL A 193 -8.73 -12.08 -10.47
N ALA A 194 -9.62 -13.07 -10.60
CA ALA A 194 -10.66 -13.29 -9.58
C ALA A 194 -10.08 -13.44 -8.18
N GLY A 195 -9.01 -14.22 -8.07
CA GLY A 195 -8.42 -14.52 -6.78
C GLY A 195 -7.76 -13.34 -6.10
N GLU A 196 -7.33 -12.35 -6.88
CA GLU A 196 -6.69 -11.16 -6.31
C GLU A 196 -7.67 -10.02 -6.10
N LEU A 197 -8.84 -10.10 -6.73
CA LEU A 197 -9.81 -9.01 -6.71
C LEU A 197 -10.42 -8.80 -5.33
N ARG A 198 -10.36 -7.57 -4.83
CA ARG A 198 -11.10 -7.22 -3.63
C ARG A 198 -12.53 -6.84 -4.02
N ILE A 199 -13.49 -7.55 -3.44
CA ILE A 199 -14.89 -7.19 -3.55
C ILE A 199 -15.35 -6.79 -2.15
N LEU A 200 -15.73 -5.53 -2.00
CA LEU A 200 -16.12 -4.97 -0.71
C LEU A 200 -17.63 -4.91 -0.60
N TYR A 201 -18.14 -5.09 0.61
CA TYR A 201 -19.57 -4.93 0.84
C TYR A 201 -19.87 -3.57 1.44
N GLY A 202 -20.96 -2.96 1.01
CA GLY A 202 -21.38 -1.68 1.57
C GLY A 202 -22.89 -1.60 1.66
N GLY A 203 -23.38 -0.86 2.64
CA GLY A 203 -24.80 -0.70 2.85
C GLY A 203 -25.17 -1.04 4.28
N SER A 204 -25.20 -0.03 5.14
CA SER A 204 -25.61 -0.20 6.54
C SER A 204 -24.67 -1.07 7.38
N VAL A 205 -23.40 -1.12 6.98
CA VAL A 205 -22.39 -1.76 7.81
C VAL A 205 -22.19 -0.92 9.08
N ASN A 206 -22.07 -1.59 10.22
CA ASN A 206 -21.75 -0.90 11.46
C ASN A 206 -20.80 -1.71 12.32
N GLY A 207 -20.39 -1.13 13.45
CA GLY A 207 -19.46 -1.78 14.35
C GLY A 207 -19.96 -3.16 14.74
N LYS A 208 -21.27 -3.29 14.92
CA LYS A 208 -21.86 -4.54 15.39
C LYS A 208 -21.88 -5.65 14.32
N ASN A 209 -22.22 -5.32 13.07
CA ASN A 209 -22.45 -6.36 12.07
C ASN A 209 -21.29 -6.66 11.12
N ALA A 210 -20.27 -5.81 11.13
CA ALA A 210 -19.18 -5.94 10.17
C ALA A 210 -18.37 -7.23 10.30
N ARG A 211 -17.99 -7.62 11.52
CA ARG A 211 -17.08 -8.75 11.65
C ARG A 211 -17.74 -10.05 11.17
N THR A 212 -19.04 -10.19 11.41
CA THR A 212 -19.76 -11.35 10.90
C THR A 212 -19.73 -11.40 9.38
N LEU A 213 -19.97 -10.25 8.74
CA LEU A 213 -19.93 -10.17 7.29
C LEU A 213 -18.55 -10.52 6.75
N TYR A 214 -17.51 -10.04 7.42
CA TYR A 214 -16.16 -10.27 6.93
C TYR A 214 -15.80 -11.76 6.95
N GLN A 215 -16.46 -12.53 7.81
CA GLN A 215 -16.17 -13.95 7.89
C GLN A 215 -16.56 -14.72 6.63
N GLN A 216 -17.36 -14.09 5.75
CA GLN A 216 -17.84 -14.83 4.58
C GLN A 216 -16.73 -14.98 3.54
N ARG A 217 -16.77 -16.07 2.79
CA ARG A 217 -15.68 -16.45 1.91
C ARG A 217 -15.25 -15.33 0.96
N ASP A 218 -16.21 -14.61 0.38
CA ASP A 218 -15.87 -13.69 -0.70
C ASP A 218 -15.96 -12.20 -0.36
N VAL A 219 -16.00 -11.89 0.92
CA VAL A 219 -16.03 -10.51 1.38
C VAL A 219 -14.60 -10.08 1.72
N ASN A 220 -14.12 -8.99 1.10
CA ASN A 220 -12.74 -8.53 1.32
C ASN A 220 -12.69 -7.15 1.96
N GLY A 221 -13.79 -6.72 2.57
CA GLY A 221 -13.77 -5.44 3.24
C GLY A 221 -15.07 -4.70 3.06
N PHE A 222 -15.05 -3.40 3.32
CA PHE A 222 -16.28 -2.62 3.46
C PHE A 222 -16.20 -1.22 2.90
N LEU A 223 -17.35 -0.72 2.48
CA LEU A 223 -17.52 0.69 2.20
C LEU A 223 -18.58 1.19 3.19
N ALA A 224 -18.27 2.25 3.93
CA ALA A 224 -19.18 2.78 4.94
C ALA A 224 -19.07 4.29 5.02
N GLY A 225 -19.89 4.91 5.86
CA GLY A 225 -19.84 6.35 6.03
C GLY A 225 -18.66 6.77 6.88
N LEU A 226 -18.27 8.03 6.75
CA LEU A 226 -17.19 8.56 7.56
C LEU A 226 -17.71 8.91 8.96
N LYS A 227 -17.51 8.01 9.92
CA LYS A 227 -18.07 8.13 11.27
C LYS A 227 -17.12 7.49 12.26
N PRO A 228 -17.24 7.85 13.56
CA PRO A 228 -16.41 7.28 14.60
C PRO A 228 -16.41 5.76 14.61
N GLU A 229 -17.52 5.13 14.24
CA GLU A 229 -17.58 3.67 14.27
C GLU A 229 -16.82 2.99 13.14
N PHE A 230 -16.38 3.77 12.15
CA PHE A 230 -15.53 3.25 11.08
C PHE A 230 -14.31 2.54 11.65
N VAL A 231 -13.86 3.02 12.81
CA VAL A 231 -12.75 2.38 13.51
C VAL A 231 -13.05 0.92 13.84
N ASP A 232 -14.27 0.63 14.26
CA ASP A 232 -14.67 -0.75 14.54
C ASP A 232 -14.84 -1.54 13.24
N ILE A 233 -15.20 -0.86 12.17
CA ILE A 233 -15.28 -1.48 10.86
C ILE A 233 -13.88 -1.88 10.37
N ILE A 234 -12.90 -1.00 10.57
CA ILE A 234 -11.51 -1.37 10.28
C ILE A 234 -11.10 -2.62 11.07
N LYS A 235 -11.44 -2.66 12.36
CA LYS A 235 -11.06 -3.79 13.22
C LYS A 235 -11.74 -5.10 12.80
N ALA A 236 -12.90 -4.97 12.15
CA ALA A 236 -13.67 -6.14 11.74
C ALA A 236 -13.07 -6.85 10.53
N THR A 237 -12.07 -6.24 9.88
CA THR A 237 -11.49 -6.86 8.70
C THR A 237 -10.42 -7.92 9.04
N GLN A 238 -10.82 -8.89 9.87
CA GLN A 238 -9.98 -10.03 10.20
C GLN A 238 -10.84 -11.08 10.86
N SER B 1 4.63 15.22 -7.28
CA SER B 1 4.31 14.84 -5.90
C SER B 1 4.99 13.52 -5.54
N LYS B 2 5.90 13.55 -4.58
CA LYS B 2 6.58 12.33 -4.13
C LYS B 2 5.57 11.36 -3.56
N PRO B 3 5.83 10.04 -3.71
CA PRO B 3 4.97 9.05 -3.08
C PRO B 3 5.15 9.10 -1.56
N GLN B 4 4.32 8.36 -0.82
CA GLN B 4 4.44 8.28 0.63
C GLN B 4 5.86 7.87 1.03
N PRO B 5 6.51 8.65 1.90
CA PRO B 5 7.87 8.26 2.32
C PRO B 5 7.89 7.17 3.35
N ILE B 6 9.04 6.52 3.48
CA ILE B 6 9.25 5.45 4.44
C ILE B 6 10.49 5.73 5.27
N ALA B 7 10.39 5.51 6.57
CA ALA B 7 11.56 5.57 7.43
C ALA B 7 11.71 4.20 8.07
N ALA B 8 12.79 3.49 7.76
CA ALA B 8 12.96 2.13 8.24
C ALA B 8 14.19 2.01 9.10
N ALA B 9 14.07 1.30 10.22
CA ALA B 9 15.20 1.04 11.13
C ALA B 9 15.55 -0.42 11.07
N ASN B 10 16.85 -0.69 10.94
CA ASN B 10 17.32 -2.02 10.66
C ASN B 10 18.10 -2.55 11.86
N TRP B 11 17.50 -3.50 12.57
CA TRP B 11 18.15 -4.10 13.72
C TRP B 11 19.49 -4.74 13.34
N LYS B 12 20.49 -4.49 14.16
CA LYS B 12 21.83 -5.06 14.01
C LYS B 12 22.30 -5.59 15.36
N SER B 13 23.00 -6.73 15.35
CA SER B 13 23.53 -7.31 16.59
C SER B 13 24.50 -6.37 17.27
N SER B 15 24.21 -3.85 19.62
CA SER B 15 23.66 -2.57 19.99
C SER B 15 23.90 -2.28 21.47
N PRO B 16 24.23 -1.01 21.81
CA PRO B 16 24.42 -0.59 23.20
C PRO B 16 23.10 -0.29 23.89
N ASP B 17 22.04 -0.13 23.10
CA ASP B 17 20.75 0.29 23.63
C ASP B 17 19.87 -0.89 23.99
N SER B 18 18.93 -0.67 24.89
CA SER B 18 17.92 -1.68 25.19
C SER B 18 16.87 -1.59 24.09
N LEU B 19 16.62 -2.71 23.42
CA LEU B 19 15.61 -2.72 22.36
C LEU B 19 14.22 -2.34 22.87
N SER B 20 13.81 -2.90 24.01
CA SER B 20 12.49 -2.54 24.57
C SER B 20 12.44 -1.05 24.92
N GLU B 21 13.55 -0.50 25.39
CA GLU B 21 13.59 0.94 25.69
C GLU B 21 13.48 1.80 24.44
N LEU B 22 14.09 1.38 23.35
CA LEU B 22 13.92 2.09 22.07
C LEU B 22 12.48 2.02 21.57
N ILE B 23 11.88 0.84 21.67
CA ILE B 23 10.46 0.69 21.33
C ILE B 23 9.58 1.64 22.17
N ASP B 24 9.85 1.71 23.47
CA ASP B 24 9.20 2.68 24.33
C ASP B 24 9.36 4.10 23.78
N LEU B 25 10.59 4.47 23.45
CA LEU B 25 10.83 5.80 22.87
C LEU B 25 9.97 6.03 21.64
N PHE B 26 9.96 5.05 20.73
CA PHE B 26 9.20 5.19 19.49
C PHE B 26 7.70 5.34 19.78
N ASN B 27 7.19 4.52 20.70
CA ASN B 27 5.77 4.58 21.08
C ASN B 27 5.39 5.95 21.60
N SER B 28 6.33 6.62 22.28
CA SER B 28 6.00 7.90 22.89
C SER B 28 6.14 9.07 21.94
N THR B 29 6.62 8.81 20.73
CA THR B 29 6.97 9.89 19.80
C THR B 29 5.78 10.44 19.00
N SER B 30 5.71 11.76 18.86
CA SER B 30 4.67 12.39 18.06
C SER B 30 5.17 12.59 16.64
N ILE B 31 4.42 12.07 15.67
CA ILE B 31 4.77 12.19 14.25
C ILE B 31 3.56 12.70 13.52
N ASN B 32 3.68 13.87 12.88
CA ASN B 32 2.51 14.58 12.42
C ASN B 32 2.29 14.55 10.91
N HIS B 33 3.18 13.91 10.18
CA HIS B 33 2.97 13.77 8.74
C HIS B 33 2.86 12.30 8.30
N ASP B 34 2.39 12.08 7.08
CA ASP B 34 2.24 10.73 6.54
C ASP B 34 3.63 10.18 6.22
N VAL B 35 4.12 9.27 7.06
CA VAL B 35 5.32 8.50 6.77
C VAL B 35 5.11 7.10 7.34
N GLN B 36 5.44 6.07 6.56
CA GLN B 36 5.35 4.71 7.09
C GLN B 36 6.64 4.41 7.79
N CYS B 37 6.57 4.16 9.09
CA CYS B 37 7.77 3.84 9.86
C CYS B 37 7.83 2.32 10.01
N VAL B 38 9.03 1.76 9.88
CA VAL B 38 9.23 0.32 9.84
C VAL B 38 10.35 -0.09 10.79
N VAL B 39 10.09 -1.07 11.64
CA VAL B 39 11.14 -1.57 12.52
C VAL B 39 11.50 -2.99 12.10
N ALA B 40 12.65 -3.14 11.45
CA ALA B 40 13.05 -4.44 10.94
C ALA B 40 13.77 -5.21 12.03
N SER B 41 13.23 -6.38 12.34
CA SER B 41 13.64 -7.11 13.52
C SER B 41 14.16 -8.50 13.16
N THR B 42 15.10 -8.98 13.96
CA THR B 42 15.66 -10.30 13.77
C THR B 42 14.73 -11.31 14.42
N PHE B 43 14.78 -12.55 13.94
CA PHE B 43 13.81 -13.57 14.37
C PHE B 43 13.60 -13.64 15.89
N VAL B 44 14.67 -13.71 16.66
CA VAL B 44 14.56 -13.90 18.10
C VAL B 44 13.87 -12.75 18.83
N HIS B 45 13.77 -11.59 18.18
CA HIS B 45 13.15 -10.43 18.82
C HIS B 45 11.78 -10.09 18.23
N LEU B 46 11.34 -10.91 17.27
CA LEU B 46 10.05 -10.68 16.62
C LEU B 46 8.86 -10.69 17.58
N ALA B 47 8.82 -11.67 18.48
CA ALA B 47 7.74 -11.77 19.44
C ALA B 47 7.66 -10.59 20.39
N MET B 48 8.81 -10.17 20.91
CA MET B 48 8.83 -9.03 21.84
C MET B 48 8.40 -7.75 21.14
N THR B 49 8.94 -7.52 19.96
CA THR B 49 8.63 -6.30 19.21
C THR B 49 7.14 -6.25 18.84
N LYS B 50 6.60 -7.37 18.40
CA LYS B 50 5.18 -7.46 18.05
C LYS B 50 4.32 -7.09 19.25
N GLU B 51 4.74 -7.52 20.43
CA GLU B 51 3.93 -7.25 21.63
C GLU B 51 4.04 -5.80 22.10
N ARG B 52 5.24 -5.22 21.98
CA ARG B 52 5.55 -3.94 22.59
C ARG B 52 5.34 -2.70 21.69
N LEU B 53 5.55 -2.87 20.39
CA LEU B 53 5.43 -1.75 19.45
C LEU B 53 3.96 -1.48 19.21
N SER B 54 3.53 -0.23 19.43
CA SER B 54 2.12 0.09 19.27
C SER B 54 1.82 1.33 18.43
N HIS B 55 2.85 2.13 18.12
CA HIS B 55 2.64 3.40 17.44
C HIS B 55 1.83 3.23 16.14
N PRO B 56 0.79 4.04 15.95
CA PRO B 56 -0.02 3.87 14.74
C PRO B 56 0.76 3.99 13.44
N LYS B 57 1.86 4.72 13.42
CA LYS B 57 2.59 4.92 12.17
C LYS B 57 3.71 3.89 11.95
N PHE B 58 3.83 2.94 12.88
CA PHE B 58 4.89 1.92 12.78
C PHE B 58 4.35 0.55 12.37
N VAL B 59 5.16 -0.18 11.61
CA VAL B 59 4.93 -1.60 11.37
C VAL B 59 6.22 -2.34 11.62
N ILE B 60 6.11 -3.65 11.84
CA ILE B 60 7.27 -4.48 12.07
C ILE B 60 7.64 -5.15 10.78
N ALA B 61 8.93 -5.37 10.57
CA ALA B 61 9.39 -6.15 9.42
C ALA B 61 10.33 -7.26 9.88
N ALA B 62 10.28 -8.41 9.20
CA ALA B 62 11.25 -9.46 9.39
C ALA B 62 12.49 -9.14 8.56
N GLN B 63 13.50 -9.99 8.63
CA GLN B 63 14.73 -9.79 7.85
C GLN B 63 15.15 -11.12 7.23
N ASN B 64 15.51 -11.11 5.95
CA ASN B 64 16.27 -12.22 5.35
C ASN B 64 15.60 -13.56 5.12
N ALA B 65 14.38 -13.76 5.62
CA ALA B 65 13.68 -15.03 5.40
C ALA B 65 13.56 -15.32 3.91
N GLY B 66 13.87 -16.55 3.51
CA GLY B 66 13.84 -16.94 2.11
C GLY B 66 13.11 -18.24 1.81
N ASN B 67 12.65 -18.90 2.86
CA ASN B 67 11.94 -20.17 2.73
C ASN B 67 10.42 -19.93 2.70
N ALA B 68 9.73 -20.56 1.76
CA ALA B 68 8.31 -20.32 1.55
C ALA B 68 7.45 -20.64 2.77
N ASP B 69 7.81 -21.70 3.49
CA ASP B 69 7.12 -22.04 4.73
C ASP B 69 7.33 -21.00 5.81
N ALA B 70 8.57 -20.53 5.94
CA ALA B 70 8.91 -19.52 6.95
C ALA B 70 8.18 -18.21 6.65
N LEU B 71 8.13 -17.84 5.38
CA LEU B 71 7.42 -16.64 4.94
C LEU B 71 5.94 -16.73 5.28
N ALA B 72 5.31 -17.86 4.99
CA ALA B 72 3.88 -18.01 5.29
C ALA B 72 3.64 -17.94 6.78
N SER B 73 4.57 -18.52 7.55
CA SER B 73 4.45 -18.49 9.01
C SER B 73 4.59 -17.06 9.57
N LEU B 74 5.52 -16.29 9.01
CA LEU B 74 5.66 -14.89 9.39
C LEU B 74 4.36 -14.16 9.10
N LYS B 75 3.80 -14.38 7.92
CA LYS B 75 2.51 -13.78 7.55
C LYS B 75 1.44 -14.13 8.59
N ASP B 76 1.33 -15.41 8.94
CA ASP B 76 0.33 -15.83 9.92
C ASP B 76 0.53 -15.16 11.27
N PHE B 77 1.78 -14.85 11.58
CA PHE B 77 2.14 -14.23 12.86
C PHE B 77 1.77 -12.76 12.86
N GLY B 78 1.42 -12.23 11.70
CA GLY B 78 1.03 -10.83 11.59
C GLY B 78 2.14 -9.91 11.08
N VAL B 79 3.21 -10.50 10.54
CA VAL B 79 4.29 -9.71 9.96
C VAL B 79 4.10 -9.59 8.46
N ASN B 80 4.01 -8.35 7.98
CA ASN B 80 3.63 -8.04 6.60
C ASN B 80 4.72 -7.34 5.77
N TRP B 81 5.85 -7.04 6.40
CA TRP B 81 6.96 -6.36 5.73
C TRP B 81 8.22 -7.19 5.90
N ILE B 82 9.19 -7.05 5.00
CA ILE B 82 10.44 -7.76 5.16
C ILE B 82 11.56 -7.00 4.48
N VAL B 83 12.75 -7.08 5.04
CA VAL B 83 13.93 -6.50 4.41
C VAL B 83 14.82 -7.63 3.88
N LEU B 84 15.25 -7.50 2.63
CA LEU B 84 16.06 -8.53 1.98
C LEU B 84 17.26 -7.90 1.28
N GLY B 85 18.37 -8.61 1.23
CA GLY B 85 19.49 -8.23 0.39
C GLY B 85 20.45 -7.21 1.00
N HIS B 86 20.32 -6.96 2.29
CA HIS B 86 21.17 -5.99 2.98
C HIS B 86 22.65 -6.33 2.75
N SER B 87 23.51 -5.32 2.81
CA SER B 87 24.92 -5.46 2.45
C SER B 87 25.58 -6.78 2.86
N GLU B 88 25.57 -7.08 4.15
CA GLU B 88 26.34 -8.22 4.64
C GLU B 88 25.80 -9.55 4.12
N ARG B 89 24.52 -9.59 3.77
CA ARG B 89 23.94 -10.77 3.16
C ARG B 89 24.70 -11.09 1.90
N ARG B 90 25.07 -10.02 1.19
CA ARG B 90 25.73 -10.13 -0.09
C ARG B 90 27.25 -10.36 0.03
N TRP B 91 27.93 -9.59 0.87
CA TRP B 91 29.39 -9.68 0.94
C TRP B 91 29.92 -10.70 1.93
N TYR B 92 29.08 -11.15 2.85
CA TYR B 92 29.49 -12.19 3.80
C TYR B 92 28.76 -13.53 3.61
N TYR B 93 27.43 -13.50 3.60
CA TYR B 93 26.65 -14.74 3.57
C TYR B 93 26.55 -15.37 2.19
N GLY B 94 27.02 -14.66 1.18
CA GLY B 94 27.08 -15.21 -0.15
C GLY B 94 25.79 -15.11 -0.94
N GLU B 95 24.88 -14.23 -0.53
CA GLU B 95 23.64 -14.10 -1.28
C GLU B 95 23.90 -13.35 -2.58
N THR B 96 23.84 -14.07 -3.68
CA THR B 96 24.06 -13.48 -5.00
C THR B 96 22.88 -12.59 -5.43
N ASN B 97 23.08 -11.82 -6.49
CA ASN B 97 21.98 -11.05 -7.08
C ASN B 97 20.74 -11.92 -7.25
N GLU B 98 20.96 -13.14 -7.74
CA GLU B 98 19.85 -14.03 -8.05
C GLU B 98 19.20 -14.59 -6.79
N ILE B 99 20.00 -14.91 -5.78
CA ILE B 99 19.44 -15.44 -4.54
C ILE B 99 18.59 -14.36 -3.88
N VAL B 100 19.05 -13.12 -3.94
CA VAL B 100 18.27 -12.01 -3.38
C VAL B 100 16.99 -11.84 -4.19
N ALA B 101 17.12 -11.85 -5.51
CA ALA B 101 15.94 -11.69 -6.36
C ALA B 101 14.89 -12.77 -6.09
N ASP B 102 15.34 -13.99 -5.82
CA ASP B 102 14.45 -15.09 -5.55
C ASP B 102 13.72 -14.89 -4.22
N LYS B 103 14.43 -14.36 -3.23
CA LYS B 103 13.81 -14.10 -1.93
C LYS B 103 12.73 -13.02 -2.09
N VAL B 104 13.06 -11.97 -2.84
CA VAL B 104 12.09 -10.88 -3.08
C VAL B 104 10.83 -11.42 -3.75
N ALA B 105 11.00 -12.20 -4.81
CA ALA B 105 9.86 -12.82 -5.50
C ALA B 105 9.04 -13.71 -4.57
N ALA B 106 9.72 -14.52 -3.76
CA ALA B 106 9.02 -15.42 -2.85
C ALA B 106 8.22 -14.63 -1.80
N ALA B 107 8.84 -13.58 -1.26
CA ALA B 107 8.17 -12.73 -0.28
C ALA B 107 6.95 -12.03 -0.90
N VAL B 108 7.11 -11.41 -2.07
CA VAL B 108 5.98 -10.75 -2.70
C VAL B 108 4.84 -11.77 -2.89
N ALA B 109 5.21 -12.98 -3.29
CA ALA B 109 4.23 -14.05 -3.52
C ALA B 109 3.48 -14.40 -2.25
N SER B 110 4.17 -14.31 -1.11
CA SER B 110 3.56 -14.63 0.17
C SER B 110 2.82 -13.46 0.77
N GLY B 111 2.75 -12.35 0.05
CA GLY B 111 1.97 -11.19 0.48
C GLY B 111 2.69 -10.13 1.28
N PHE B 112 4.01 -10.03 1.12
CA PHE B 112 4.79 -9.03 1.87
C PHE B 112 4.93 -7.72 1.11
N MET B 113 5.16 -6.63 1.86
CA MET B 113 5.80 -5.44 1.32
C MET B 113 7.28 -5.69 1.51
N VAL B 114 8.08 -5.43 0.48
CA VAL B 114 9.48 -5.83 0.49
C VAL B 114 10.39 -4.64 0.33
N ILE B 115 11.28 -4.44 1.30
CA ILE B 115 12.38 -3.50 1.13
C ILE B 115 13.60 -4.28 0.64
N ALA B 116 13.92 -4.13 -0.64
CA ALA B 116 15.04 -4.82 -1.27
C ALA B 116 16.21 -3.87 -1.33
N CYS B 117 17.36 -4.31 -0.80
CA CYS B 117 18.53 -3.45 -0.73
C CYS B 117 19.52 -3.73 -1.85
N ILE B 118 20.08 -2.67 -2.40
CA ILE B 118 21.14 -2.77 -3.40
C ILE B 118 22.19 -1.74 -3.05
N GLY B 119 23.35 -1.80 -3.69
CA GLY B 119 24.40 -0.83 -3.40
C GLY B 119 25.79 -1.38 -3.68
N GLU B 120 26.72 -0.49 -4.00
CA GLU B 120 28.06 -0.85 -4.41
C GLU B 120 29.04 -0.76 -3.26
N THR B 121 30.14 -1.51 -3.37
CA THR B 121 31.22 -1.50 -2.39
C THR B 121 32.16 -0.34 -2.69
N LEU B 122 33.12 -0.11 -1.80
CA LEU B 122 34.07 0.98 -1.99
C LEU B 122 34.93 0.77 -3.24
N GLN B 123 35.39 -0.47 -3.45
CA GLN B 123 36.18 -0.78 -4.64
C GLN B 123 35.38 -0.49 -5.90
N GLU B 124 34.13 -0.93 -5.91
CA GLU B 124 33.28 -0.73 -7.07
C GLU B 124 33.06 0.75 -7.34
N ARG B 125 32.79 1.52 -6.29
CA ARG B 125 32.67 2.98 -6.39
C ARG B 125 33.95 3.60 -6.94
N GLU B 126 35.08 3.21 -6.37
CA GLU B 126 36.36 3.84 -6.72
C GLU B 126 36.86 3.46 -8.10
N SER B 127 36.37 2.34 -8.62
CA SER B 127 36.73 1.91 -9.96
C SER B 127 35.67 2.25 -11.01
N GLY B 128 34.75 3.14 -10.65
CA GLY B 128 33.79 3.66 -11.59
C GLY B 128 32.71 2.68 -11.98
N ARG B 129 32.48 1.69 -11.12
CA ARG B 129 31.51 0.66 -11.45
C ARG B 129 30.17 0.78 -10.72
N THR B 130 29.94 1.92 -10.07
CA THR B 130 28.68 2.10 -9.35
C THR B 130 27.46 1.77 -10.21
N ALA B 131 27.38 2.37 -11.40
CA ALA B 131 26.21 2.24 -12.25
C ALA B 131 25.99 0.81 -12.74
N VAL B 132 27.04 0.16 -13.21
CA VAL B 132 26.89 -1.22 -13.66
C VAL B 132 26.41 -2.10 -12.51
N VAL B 133 26.99 -1.91 -11.33
CA VAL B 133 26.65 -2.74 -10.18
C VAL B 133 25.20 -2.54 -9.75
N VAL B 134 24.82 -1.30 -9.49
CA VAL B 134 23.46 -1.00 -9.03
C VAL B 134 22.40 -1.45 -10.03
N LEU B 135 22.67 -1.25 -11.32
CA LEU B 135 21.72 -1.64 -12.36
C LEU B 135 21.65 -3.15 -12.53
N THR B 136 22.76 -3.84 -12.27
CA THR B 136 22.79 -5.30 -12.39
C THR B 136 21.95 -5.92 -11.26
N GLN B 137 22.14 -5.40 -10.05
CA GLN B 137 21.40 -5.84 -8.87
C GLN B 137 19.90 -5.69 -9.03
N ILE B 138 19.45 -4.56 -9.56
CA ILE B 138 18.00 -4.34 -9.68
C ILE B 138 17.43 -5.11 -10.88
N ALA B 139 18.21 -5.26 -11.94
CA ALA B 139 17.80 -6.07 -13.08
C ALA B 139 17.48 -7.50 -12.66
N ALA B 140 18.30 -8.06 -11.76
CA ALA B 140 18.08 -9.40 -11.25
C ALA B 140 16.78 -9.48 -10.50
N ILE B 141 16.51 -8.45 -9.70
CA ILE B 141 15.26 -8.39 -8.95
C ILE B 141 14.09 -8.31 -9.92
N ALA B 142 14.16 -7.39 -10.87
CA ALA B 142 13.10 -7.18 -11.85
C ALA B 142 12.81 -8.44 -12.68
N LYS B 143 13.84 -9.23 -12.93
CA LYS B 143 13.68 -10.43 -13.74
C LYS B 143 12.75 -11.46 -13.10
N LYS B 144 12.61 -11.42 -11.78
CA LYS B 144 11.83 -12.43 -11.08
C LYS B 144 10.46 -11.90 -10.68
N LEU B 145 10.15 -10.69 -11.12
CA LEU B 145 8.88 -10.06 -10.79
C LEU B 145 8.08 -9.81 -12.07
N LYS B 146 6.78 -9.56 -11.91
CA LYS B 146 5.96 -9.04 -12.99
C LYS B 146 5.54 -7.62 -12.61
N LYS B 147 5.00 -6.88 -13.57
CA LYS B 147 4.72 -5.47 -13.34
C LYS B 147 3.88 -5.16 -12.09
N ALA B 148 2.81 -5.92 -11.90
CA ALA B 148 1.91 -5.70 -10.78
C ALA B 148 2.64 -5.80 -9.42
N ASP B 149 3.73 -6.55 -9.41
CA ASP B 149 4.47 -6.83 -8.16
C ASP B 149 5.11 -5.59 -7.54
N TRP B 150 5.41 -4.59 -8.36
CA TRP B 150 6.17 -3.44 -7.89
C TRP B 150 5.39 -2.58 -6.90
N ALA B 151 4.07 -2.77 -6.85
CA ALA B 151 3.25 -2.07 -5.88
C ALA B 151 3.63 -2.51 -4.47
N LYS B 152 4.27 -3.66 -4.38
CA LYS B 152 4.69 -4.24 -3.09
C LYS B 152 6.18 -4.17 -2.87
N VAL B 153 6.89 -3.43 -3.74
CA VAL B 153 8.34 -3.37 -3.67
C VAL B 153 8.81 -1.96 -3.32
N VAL B 154 9.84 -1.90 -2.47
CA VAL B 154 10.50 -0.65 -2.11
C VAL B 154 11.98 -0.93 -2.34
N ILE B 155 12.71 0.00 -2.94
CA ILE B 155 14.16 -0.16 -3.11
C ILE B 155 14.93 0.66 -2.08
N ALA B 156 15.90 0.05 -1.40
CA ALA B 156 16.80 0.85 -0.57
C ALA B 156 18.19 0.84 -1.16
N TYR B 157 18.63 2.01 -1.63
CA TYR B 157 19.99 2.17 -2.12
C TYR B 157 20.93 2.51 -0.96
N GLU B 158 21.91 1.65 -0.72
CA GLU B 158 22.87 1.84 0.36
C GLU B 158 24.31 1.59 -0.09
N PRO B 159 25.10 2.65 -0.24
CA PRO B 159 26.51 2.43 -0.58
C PRO B 159 27.19 1.66 0.55
N VAL B 160 27.82 0.53 0.27
CA VAL B 160 28.41 -0.28 1.33
C VAL B 160 29.42 0.53 2.17
N TRP B 161 30.18 1.40 1.50
CA TRP B 161 31.18 2.22 2.17
C TRP B 161 30.56 3.21 3.14
N ALA B 162 29.24 3.36 3.08
CA ALA B 162 28.51 4.32 3.93
C ALA B 162 27.82 3.68 5.14
N ILE B 163 27.84 2.35 5.22
CA ILE B 163 27.11 1.67 6.27
C ILE B 163 27.96 1.49 7.52
N GLY B 164 27.65 2.26 8.57
CA GLY B 164 28.30 2.12 9.84
C GLY B 164 29.64 2.81 9.95
N THR B 165 29.99 3.56 8.91
CA THR B 165 31.32 4.15 8.79
C THR B 165 31.35 5.64 9.09
N GLY B 166 30.18 6.26 9.18
CA GLY B 166 30.12 7.70 9.35
C GLY B 166 30.35 8.46 8.05
N LYS B 167 30.63 7.75 6.97
CA LYS B 167 30.81 8.43 5.66
C LYS B 167 29.52 8.40 4.84
N VAL B 168 28.67 9.41 5.03
CA VAL B 168 27.39 9.47 4.35
C VAL B 168 27.59 9.90 2.90
N ALA B 169 26.71 9.43 2.01
CA ALA B 169 26.71 9.94 0.65
C ALA B 169 26.36 11.41 0.71
N THR B 170 27.00 12.22 -0.14
CA THR B 170 26.62 13.62 -0.26
C THR B 170 25.26 13.66 -0.94
N PRO B 171 24.55 14.79 -0.82
CA PRO B 171 23.24 14.86 -1.46
C PRO B 171 23.34 14.59 -2.97
N GLN B 172 24.39 15.11 -3.59
CA GLN B 172 24.58 14.91 -5.00
C GLN B 172 24.84 13.45 -5.36
N GLN B 173 25.62 12.75 -4.55
CA GLN B 173 25.87 11.33 -4.81
C GLN B 173 24.61 10.48 -4.63
N ALA B 174 23.85 10.77 -3.59
CA ALA B 174 22.62 10.01 -3.36
C ALA B 174 21.62 10.28 -4.47
N GLN B 175 21.44 11.55 -4.84
CA GLN B 175 20.48 11.89 -5.89
C GLN B 175 20.86 11.26 -7.22
N GLU B 176 22.14 11.29 -7.55
CA GLU B 176 22.63 10.71 -8.79
CA GLU B 176 22.57 10.72 -8.81
C GLU B 176 22.31 9.21 -8.87
N ALA B 177 22.51 8.50 -7.76
CA ALA B 177 22.26 7.05 -7.75
C ALA B 177 20.77 6.75 -7.84
N HIS B 178 19.98 7.48 -7.06
CA HIS B 178 18.55 7.31 -7.04
C HIS B 178 17.95 7.63 -8.42
N ALA B 179 18.47 8.67 -9.05
CA ALA B 179 17.98 9.07 -10.37
C ALA B 179 18.30 8.01 -11.42
N LEU B 180 19.50 7.43 -11.31
CA LEU B 180 19.90 6.35 -12.21
C LEU B 180 18.94 5.18 -12.06
N ILE B 181 18.62 4.83 -10.81
CA ILE B 181 17.73 3.72 -10.54
C ILE B 181 16.35 3.97 -11.12
N ARG B 182 15.79 5.13 -10.83
CA ARG B 182 14.42 5.43 -11.27
C ARG B 182 14.32 5.48 -12.79
N SER B 183 15.35 6.03 -13.43
CA SER B 183 15.39 6.08 -14.88
C SER B 183 15.34 4.68 -15.48
N TRP B 184 16.09 3.74 -14.90
CA TRP B 184 16.07 2.35 -15.37
C TRP B 184 14.70 1.73 -15.16
N VAL B 185 14.11 1.93 -13.99
CA VAL B 185 12.77 1.40 -13.72
C VAL B 185 11.77 1.96 -14.73
N SER B 186 11.87 3.25 -15.03
CA SER B 186 10.97 3.89 -15.98
C SER B 186 11.04 3.21 -17.35
N SER B 187 12.25 3.10 -17.91
CA SER B 187 12.44 2.49 -19.24
C SER B 187 12.04 1.02 -19.29
N LYS B 188 12.40 0.27 -18.26
CA LYS B 188 12.26 -1.18 -18.33
C LYS B 188 10.96 -1.72 -17.76
N ILE B 189 10.40 -1.03 -16.77
CA ILE B 189 9.18 -1.50 -16.12
C ILE B 189 7.97 -0.66 -16.52
N GLY B 190 8.13 0.67 -16.50
CA GLY B 190 7.05 1.59 -16.79
C GLY B 190 7.22 2.91 -16.07
N ALA B 191 6.88 4.01 -16.73
CA ALA B 191 6.95 5.32 -16.12
C ALA B 191 6.03 5.43 -14.91
N ASP B 192 4.87 4.77 -14.99
CA ASP B 192 3.92 4.77 -13.89
C ASP B 192 4.50 4.08 -12.64
N VAL B 193 5.05 2.89 -12.81
CA VAL B 193 5.73 2.19 -11.74
C VAL B 193 6.86 3.07 -11.17
N ALA B 194 7.63 3.69 -12.05
CA ALA B 194 8.78 4.49 -11.63
C ALA B 194 8.35 5.68 -10.76
N GLY B 195 7.21 6.29 -11.10
CA GLY B 195 6.73 7.44 -10.37
C GLY B 195 6.29 7.10 -8.96
N GLU B 196 5.75 5.90 -8.78
CA GLU B 196 5.18 5.50 -7.50
C GLU B 196 6.17 4.75 -6.61
N LEU B 197 7.32 4.37 -7.18
CA LEU B 197 8.32 3.59 -6.46
C LEU B 197 9.04 4.40 -5.38
N ARG B 198 9.11 3.85 -4.16
CA ARG B 198 9.92 4.49 -3.11
C ARG B 198 11.36 4.00 -3.22
N ILE B 199 12.30 4.92 -3.38
CA ILE B 199 13.72 4.60 -3.31
C ILE B 199 14.31 5.29 -2.09
N LEU B 200 14.75 4.51 -1.11
CA LEU B 200 15.21 5.03 0.17
C LEU B 200 16.71 5.06 0.16
N TYR B 201 17.30 6.05 0.82
CA TYR B 201 18.73 6.09 0.97
C TYR B 201 19.12 5.55 2.34
N GLY B 202 20.23 4.82 2.42
CA GLY B 202 20.76 4.34 3.69
C GLY B 202 22.28 4.35 3.70
N GLY B 203 22.88 4.51 4.88
CA GLY B 203 24.33 4.60 5.00
C GLY B 203 24.74 5.87 5.74
N SER B 204 24.87 5.75 7.06
CA SER B 204 25.29 6.85 7.92
C SER B 204 24.36 8.06 7.89
N VAL B 205 23.07 7.82 7.70
CA VAL B 205 22.08 8.90 7.86
C VAL B 205 22.00 9.28 9.33
N ASN B 206 21.84 10.57 9.59
CA ASN B 206 21.56 11.03 10.95
C ASN B 206 20.56 12.20 10.96
N GLY B 207 20.28 12.75 12.13
CA GLY B 207 19.32 13.83 12.23
C GLY B 207 19.73 15.09 11.50
N LYS B 208 21.03 15.36 11.46
CA LYS B 208 21.57 16.56 10.81
C LYS B 208 21.52 16.46 9.29
N ASN B 209 22.02 15.37 8.75
CA ASN B 209 22.14 15.23 7.31
C ASN B 209 20.89 14.71 6.59
N ALA B 210 19.93 14.17 7.34
CA ALA B 210 18.73 13.58 6.72
C ALA B 210 17.88 14.61 5.98
N ARG B 211 17.75 15.80 6.55
CA ARG B 211 16.88 16.81 5.97
C ARG B 211 17.30 17.17 4.54
N THR B 212 18.57 17.49 4.39
CA THR B 212 19.11 17.85 3.09
C THR B 212 19.01 16.68 2.11
N LEU B 213 19.28 15.48 2.60
CA LEU B 213 19.13 14.29 1.76
C LEU B 213 17.69 14.12 1.26
N TYR B 214 16.71 14.25 2.16
CA TYR B 214 15.31 14.09 1.73
C TYR B 214 14.85 15.14 0.73
N GLN B 215 15.47 16.31 0.73
CA GLN B 215 15.07 17.36 -0.20
C GLN B 215 15.34 16.97 -1.65
N GLN B 216 16.17 15.95 -1.87
CA GLN B 216 16.53 15.55 -3.23
C GLN B 216 15.33 14.96 -3.95
N ARG B 217 15.20 15.27 -5.24
CA ARG B 217 14.04 14.87 -6.03
C ARG B 217 13.70 13.40 -5.95
N ASP B 218 14.73 12.54 -5.92
CA ASP B 218 14.48 11.10 -6.03
C ASP B 218 14.70 10.29 -4.73
N VAL B 219 14.76 10.98 -3.59
CA VAL B 219 14.90 10.32 -2.30
C VAL B 219 13.54 10.25 -1.62
N ASN B 220 13.08 9.05 -1.28
CA ASN B 220 11.76 8.83 -0.71
C ASN B 220 11.80 8.36 0.75
N GLY B 221 12.93 8.55 1.41
CA GLY B 221 13.05 8.21 2.81
C GLY B 221 14.36 7.51 3.08
N PHE B 222 14.41 6.78 4.18
CA PHE B 222 15.67 6.28 4.69
C PHE B 222 15.64 4.88 5.27
N LEU B 223 16.80 4.23 5.23
CA LEU B 223 17.08 3.04 6.00
C LEU B 223 18.22 3.42 6.96
N ALA B 224 17.98 3.20 8.26
CA ALA B 224 18.92 3.66 9.26
C ALA B 224 19.05 2.65 10.39
N GLY B 225 19.94 2.94 11.33
CA GLY B 225 20.14 2.04 12.45
C GLY B 225 19.00 2.17 13.43
N LEU B 226 18.82 1.14 14.25
CA LEU B 226 17.76 1.12 15.24
C LEU B 226 18.34 1.71 16.52
N LYS B 227 18.24 3.03 16.65
CA LYS B 227 18.85 3.78 17.75
C LYS B 227 18.04 5.05 17.98
N PRO B 228 18.30 5.77 19.09
CA PRO B 228 17.44 6.90 19.46
C PRO B 228 17.29 7.97 18.39
N GLU B 229 18.32 8.20 17.60
CA GLU B 229 18.27 9.29 16.63
C GLU B 229 17.36 8.97 15.46
N PHE B 230 16.89 7.72 15.36
CA PHE B 230 15.94 7.36 14.31
C PHE B 230 14.74 8.29 14.38
N VAL B 231 14.45 8.79 15.58
CA VAL B 231 13.34 9.73 15.78
C VAL B 231 13.56 11.00 14.96
N ASP B 232 14.81 11.46 14.89
CA ASP B 232 15.16 12.66 14.12
C ASP B 232 15.16 12.39 12.63
N ILE B 233 15.55 11.17 12.26
CA ILE B 233 15.43 10.75 10.87
C ILE B 233 13.97 10.73 10.38
N ILE B 234 13.06 10.27 11.23
CA ILE B 234 11.64 10.31 10.88
C ILE B 234 11.18 11.75 10.61
N LYS B 235 11.57 12.68 11.48
CA LYS B 235 11.15 14.08 11.33
C LYS B 235 11.64 14.68 10.00
N ALA B 236 12.69 14.11 9.43
CA ALA B 236 13.30 14.68 8.22
C ALA B 236 12.57 14.31 6.93
N THR B 237 11.64 13.36 7.01
CA THR B 237 10.94 12.89 5.81
C THR B 237 9.80 13.82 5.37
N GLN B 238 10.12 15.09 5.24
CA GLN B 238 9.14 16.08 4.80
C GLN B 238 9.87 17.31 4.28
CB X1S C . -23.22 4.44 3.58
CG X1S C . -22.66 3.46 2.54
CD X1S C . -21.96 4.18 1.39
OE1 X1S C . -21.45 3.52 0.48
OE2 X1S C . -21.54 5.43 1.52
O1 X1S C . -25.02 2.71 4.06
O2 X1S C . -23.23 2.82 5.56
O3 X1S C . -24.93 4.64 5.65
S X1S C . -24.11 3.60 4.72
S SO4 D . -6.70 -4.40 14.79
O1 SO4 D . -7.56 -5.18 15.69
O2 SO4 D . -7.46 -3.63 13.81
O3 SO4 D . -5.91 -3.45 15.58
O4 SO4 D . -5.80 -5.33 14.10
S SO4 E . 6.86 15.59 12.35
O1 SO4 E . 6.33 15.52 13.71
O2 SO4 E . 5.75 15.53 11.41
O3 SO4 E . 7.56 16.85 12.18
O4 SO4 E . 7.77 14.46 12.11
CB X1S F . 23.23 1.46 9.29
CG X1S F . 22.36 1.44 8.03
CD X1S F . 21.83 0.07 7.72
OE1 X1S F . 21.84 -0.81 8.56
OE2 X1S F . 21.07 -0.14 6.65
O1 X1S F . 24.72 3.02 10.66
O2 X1S F . 24.85 3.21 8.35
O3 X1S F . 22.81 4.09 9.50
S X1S F . 23.95 2.97 9.45
#